data_8QGB
#
_entry.id   8QGB
#
_cell.length_a   62.820
_cell.length_b   75.780
_cell.length_c   118.830
_cell.angle_alpha   90.00
_cell.angle_beta   90.00
_cell.angle_gamma   90.00
#
_symmetry.space_group_name_H-M   'I 2 2 2'
#
loop_
_entity.id
_entity.type
_entity.pdbx_description
1 polymer 'NAD kinase 1'
2 non-polymer 'CITRIC ACID'
3 non-polymer '2-[[(2~{R},3~{S},4~{R},5~{R})-5-[8-[3-[[(2~{R},3~{S},4~{R},5~{R})-5-(6-aminopurin-9-yl)-3,4-bis(oxidanyl)oxolan-2-yl]methoxy]prop-1-ynyl]-6-azanyl-purin-9-yl]-3,4-bis(oxidanyl)oxolan-2-yl]methylcarbamoyl]benzoic acid'
4 water water
#
_entity_poly.entity_id   1
_entity_poly.type   'polypeptide(L)'
_entity_poly.pdbx_seq_one_letter_code
;MKYMITSKGDEKSDLLRLNMIAGFGEYDMEYDDVEPEIVISIGGDGTFLSAFHQYEERLDEIAFIGIHTGHLGFYADWRP
AEADKLVKLLAKGEYQKVSYPLLKTTVKYGIGKKEATYLALNESTVKSSGGPFVVDVVINDIHFERFRGDGLCMSTPSGT
TAYNKSLGGALMHPSIEAMQLTEMASINNRVYRTIGSPLVFPKHHVVSLQPVNDKDFQISVDHLSILHRDVQEIRYEVSA
KKIHFARFRSFPFWRRVHDSFIEDLEHHHHHH
;
_entity_poly.pdbx_strand_id   A
#
loop_
_chem_comp.id
_chem_comp.type
_chem_comp.name
_chem_comp.formula
CIT non-polymer 'CITRIC ACID' 'C6 H8 O7'
UTR non-polymer '2-[[(2~{R},3~{S},4~{R},5~{R})-5-[8-[3-[[(2~{R},3~{S},4~{R},5~{R})-5-(6-aminopurin-9-yl)-3,4-bis(oxidanyl)oxolan-2-yl]methoxy]prop-1-ynyl]-6-azanyl-purin-9-yl]-3,4-bis(oxidanyl)oxolan-2-yl]methylcarbamoyl]benzoic acid' 'C31 H31 N11 O10'
#
# COMPACT_ATOMS: atom_id res chain seq x y z
N MET A 1 -5.92 22.10 14.54
CA MET A 1 -6.70 21.24 13.66
C MET A 1 -7.20 19.99 14.37
N LYS A 2 -8.17 19.33 13.75
CA LYS A 2 -8.61 18.02 14.22
C LYS A 2 -7.55 16.98 13.89
N TYR A 3 -7.08 16.26 14.91
CA TYR A 3 -6.04 15.26 14.72
C TYR A 3 -6.40 14.00 15.48
N MET A 4 -5.64 12.93 15.20
CA MET A 4 -5.75 11.69 15.96
C MET A 4 -4.40 10.98 15.87
N ILE A 5 -4.15 10.10 16.84
CA ILE A 5 -2.91 9.35 16.92
C ILE A 5 -3.25 7.89 17.15
N THR A 6 -2.69 7.01 16.33
CA THR A 6 -2.79 5.57 16.52
C THR A 6 -1.45 5.03 17.02
N SER A 7 -1.50 3.94 17.76
CA SER A 7 -0.32 3.41 18.44
C SER A 7 -0.10 1.96 18.07
N LYS A 8 1.19 1.58 18.03
CA LYS A 8 1.55 0.19 17.79
C LYS A 8 1.03 -0.72 18.89
N GLY A 9 0.93 -0.22 20.12
CA GLY A 9 0.40 -0.99 21.23
C GLY A 9 1.42 -1.31 22.30
N ASP A 10 2.72 -1.22 22.01
CA ASP A 10 3.72 -1.49 23.02
C ASP A 10 3.92 -0.27 23.92
N GLU A 11 4.73 -0.45 24.96
CA GLU A 11 4.90 0.60 25.96
C GLU A 11 5.50 1.86 25.35
N LYS A 12 6.48 1.71 24.46
CA LYS A 12 7.15 2.88 23.91
C LYS A 12 6.22 3.73 23.05
N SER A 13 5.34 3.09 22.28
CA SER A 13 4.45 3.83 21.40
C SER A 13 3.27 4.42 22.15
N ASP A 14 2.72 3.68 23.13
CA ASP A 14 1.57 4.19 23.88
C ASP A 14 1.94 5.45 24.65
N LEU A 15 3.13 5.49 25.24
CA LEU A 15 3.51 6.65 26.05
C LEU A 15 3.96 7.83 25.20
N LEU A 16 4.61 7.57 24.05
CA LEU A 16 4.90 8.66 23.12
C LEU A 16 3.63 9.28 22.59
N ARG A 17 2.57 8.47 22.45
CA ARG A 17 1.28 9.00 22.00
C ARG A 17 0.67 9.90 23.06
N LEU A 18 0.71 9.48 24.32
CA LEU A 18 0.14 10.29 25.40
C LEU A 18 0.90 11.59 25.59
N ASN A 19 2.21 11.59 25.37
CA ASN A 19 2.99 12.82 25.55
C ASN A 19 2.74 13.79 24.40
N MET A 20 2.56 13.27 23.18
CA MET A 20 2.25 14.16 22.05
C MET A 20 0.87 14.78 22.20
N ILE A 21 -0.10 14.01 22.71
CA ILE A 21 -1.42 14.56 22.98
C ILE A 21 -1.34 15.69 23.99
N ALA A 22 -0.51 15.52 25.03
CA ALA A 22 -0.35 16.57 26.02
C ALA A 22 0.24 17.83 25.40
N GLY A 23 1.28 17.68 24.57
CA GLY A 23 1.84 18.83 23.90
C GLY A 23 0.87 19.50 22.95
N PHE A 24 0.00 18.71 22.31
CA PHE A 24 -1.02 19.29 21.45
C PHE A 24 -2.02 20.11 22.24
N GLY A 25 -2.27 19.74 23.50
CA GLY A 25 -3.17 20.51 24.35
C GLY A 25 -2.70 21.91 24.63
N GLU A 26 -1.44 22.22 24.36
CA GLU A 26 -0.89 23.56 24.51
C GLU A 26 -1.03 24.39 23.25
N TYR A 27 -1.76 23.91 22.25
CA TYR A 27 -2.00 24.64 21.01
C TYR A 27 -3.47 24.51 20.65
N ASP A 28 -3.85 25.13 19.53
CA ASP A 28 -5.21 25.00 19.01
C ASP A 28 -5.35 23.70 18.21
N MET A 29 -5.19 22.60 18.93
CA MET A 29 -5.30 21.26 18.36
C MET A 29 -6.39 20.50 19.09
N GLU A 30 -7.26 19.84 18.33
CA GLU A 30 -8.43 19.15 18.86
C GLU A 30 -8.35 17.68 18.47
N TYR A 31 -8.32 16.80 19.46
CA TYR A 31 -8.26 15.37 19.19
C TYR A 31 -9.62 14.87 18.73
N ASP A 32 -9.64 14.18 17.58
CA ASP A 32 -10.87 13.66 17.02
C ASP A 32 -10.50 12.51 16.10
N ASP A 33 -10.93 11.29 16.43
CA ASP A 33 -10.65 10.12 15.61
C ASP A 33 -11.82 9.76 14.70
N VAL A 34 -12.77 10.67 14.53
CA VAL A 34 -13.91 10.47 13.63
C VAL A 34 -13.75 11.30 12.36
N GLU A 35 -13.41 12.58 12.50
CA GLU A 35 -13.11 13.45 11.36
C GLU A 35 -11.77 14.16 11.58
N PRO A 36 -10.67 13.41 11.65
CA PRO A 36 -9.37 14.06 11.80
C PRO A 36 -8.88 14.62 10.49
N GLU A 37 -8.14 15.73 10.59
CA GLU A 37 -7.42 16.28 9.45
C GLU A 37 -5.96 15.87 9.42
N ILE A 38 -5.42 15.43 10.55
CA ILE A 38 -4.07 14.89 10.66
C ILE A 38 -4.16 13.53 11.33
N VAL A 39 -3.56 12.52 10.71
CA VAL A 39 -3.48 11.18 11.29
C VAL A 39 -2.00 10.87 11.53
N ILE A 40 -1.63 10.74 12.80
CA ILE A 40 -0.26 10.42 13.20
C ILE A 40 -0.20 8.96 13.58
N SER A 41 0.72 8.22 12.96
CA SER A 41 0.90 6.81 13.23
C SER A 41 2.23 6.60 13.95
N ILE A 42 2.18 5.91 15.08
CA ILE A 42 3.34 5.67 15.92
C ILE A 42 3.57 4.16 16.02
N GLY A 43 4.65 3.68 15.44
CA GLY A 43 4.97 2.27 15.44
C GLY A 43 5.83 1.85 14.26
N GLY A 44 5.32 0.94 13.44
CA GLY A 44 6.04 0.51 12.26
C GLY A 44 5.25 0.72 10.99
N ASP A 45 5.73 0.15 9.88
CA ASP A 45 4.99 0.26 8.62
C ASP A 45 3.64 -0.43 8.71
N GLY A 46 3.58 -1.55 9.44
CA GLY A 46 2.31 -2.22 9.63
C GLY A 46 1.31 -1.37 10.40
N THR A 47 1.81 -0.60 11.38
CA THR A 47 0.95 0.31 12.11
C THR A 47 0.43 1.42 11.22
N PHE A 48 1.32 2.00 10.39
CA PHE A 48 0.89 3.03 9.44
C PHE A 48 -0.11 2.46 8.45
N LEU A 49 0.11 1.22 8.01
CA LEU A 49 -0.82 0.58 7.09
C LEU A 49 -2.23 0.51 7.68
N SER A 50 -2.33 0.22 8.97
CA SER A 50 -3.63 0.12 9.61
C SER A 50 -4.29 1.50 9.72
N ALA A 51 -3.49 2.54 9.94
CA ALA A 51 -4.04 3.89 10.02
C ALA A 51 -4.60 4.35 8.67
N PHE A 52 -3.92 3.98 7.59
CA PHE A 52 -4.39 4.34 6.25
C PHE A 52 -5.73 3.69 5.95
N HIS A 53 -5.88 2.41 6.26
CA HIS A 53 -7.13 1.71 5.99
C HIS A 53 -8.22 2.13 6.96
N GLN A 54 -7.85 2.58 8.16
CA GLN A 54 -8.85 3.06 9.11
C GLN A 54 -9.56 4.30 8.59
N TYR A 55 -8.88 5.11 7.77
CA TYR A 55 -9.43 6.35 7.25
C TYR A 55 -9.37 6.40 5.73
N GLU A 56 -9.50 5.25 5.07
CA GLU A 56 -9.40 5.22 3.61
C GLU A 56 -10.62 5.82 2.93
N GLU A 57 -11.69 6.13 3.66
CA GLU A 57 -12.86 6.75 3.07
C GLU A 57 -12.82 8.28 3.15
N ARG A 58 -11.83 8.85 3.83
CA ARG A 58 -11.64 10.29 3.91
C ARG A 58 -10.20 10.65 3.57
N LEU A 59 -9.63 9.98 2.57
CA LEU A 59 -8.23 10.20 2.23
C LEU A 59 -7.98 11.60 1.71
N ASP A 60 -8.92 12.15 0.93
CA ASP A 60 -8.74 13.46 0.32
C ASP A 60 -8.83 14.60 1.33
N GLU A 61 -9.09 14.31 2.60
CA GLU A 61 -9.23 15.34 3.63
C GLU A 61 -8.29 15.11 4.80
N ILE A 62 -7.28 14.24 4.66
CA ILE A 62 -6.41 13.84 5.74
C ILE A 62 -4.97 13.86 5.26
N ALA A 63 -4.06 14.32 6.11
CA ALA A 63 -2.63 14.25 5.88
C ALA A 63 -2.01 13.30 6.89
N PHE A 64 -1.28 12.29 6.39
CA PHE A 64 -0.69 11.28 7.24
C PHE A 64 0.73 11.65 7.64
N ILE A 65 1.11 11.30 8.86
CA ILE A 65 2.46 11.48 9.38
C ILE A 65 2.87 10.20 10.09
N GLY A 66 4.08 9.72 9.80
CA GLY A 66 4.57 8.47 10.37
C GLY A 66 5.74 8.69 11.30
N ILE A 67 5.71 8.01 12.44
CA ILE A 67 6.79 8.02 13.42
C ILE A 67 7.16 6.59 13.73
N HIS A 68 8.41 6.22 13.48
CA HIS A 68 8.90 4.86 13.72
C HIS A 68 9.57 4.79 15.08
N THR A 69 9.06 3.90 15.94
CA THR A 69 9.60 3.73 17.28
C THR A 69 10.39 2.44 17.39
N GLY A 73 11.39 3.05 9.32
CA GLY A 73 10.24 2.69 8.52
C GLY A 73 10.18 3.52 7.24
N PHE A 74 9.39 3.06 6.26
CA PHE A 74 9.28 3.79 5.00
C PHE A 74 8.22 4.89 5.08
N TYR A 75 7.00 4.53 5.48
CA TYR A 75 5.93 5.49 5.74
C TYR A 75 6.10 6.22 7.07
N ALA A 76 6.95 5.70 7.98
CA ALA A 76 7.26 6.38 9.23
C ALA A 76 8.64 7.01 9.07
N ASP A 77 8.66 8.29 8.66
CA ASP A 77 9.91 9.00 8.44
C ASP A 77 10.11 10.11 9.49
N TRP A 78 9.95 9.75 10.76
CA TRP A 78 10.19 10.68 11.87
C TRP A 78 10.69 9.89 13.06
N ARG A 79 11.79 10.36 13.66
CA ARG A 79 12.35 9.69 14.81
C ARG A 79 11.57 10.06 16.08
N PRO A 80 11.52 9.15 17.06
CA PRO A 80 10.74 9.45 18.28
C PRO A 80 11.25 10.66 19.04
N ALA A 81 12.57 10.89 19.06
CA ALA A 81 13.13 12.04 19.77
C ALA A 81 12.77 13.36 19.12
N GLU A 82 12.26 13.36 17.90
CA GLU A 82 11.84 14.58 17.20
C GLU A 82 10.35 14.85 17.37
N ALA A 83 9.70 14.22 18.34
CA ALA A 83 8.26 14.36 18.49
C ALA A 83 7.86 15.78 18.86
N ASP A 84 8.58 16.40 19.80
CA ASP A 84 8.23 17.75 20.23
C ASP A 84 8.38 18.75 19.09
N LYS A 85 9.47 18.63 18.31
CA LYS A 85 9.61 19.47 17.13
C LYS A 85 8.47 19.24 16.16
N LEU A 86 8.04 17.98 16.03
CA LEU A 86 6.90 17.68 15.17
C LEU A 86 5.62 18.31 15.70
N VAL A 87 5.49 18.42 17.03
CA VAL A 87 4.32 19.08 17.61
C VAL A 87 4.31 20.56 17.25
N LYS A 88 5.45 21.24 17.47
CA LYS A 88 5.53 22.66 17.16
C LYS A 88 5.39 22.92 15.67
N LEU A 89 6.05 22.11 14.84
CA LEU A 89 5.93 22.24 13.39
C LEU A 89 4.47 22.11 12.96
N LEU A 90 3.76 21.12 13.51
CA LEU A 90 2.39 20.86 13.10
C LEU A 90 1.45 21.97 13.56
N ALA A 91 1.75 22.60 14.70
CA ALA A 91 0.85 23.61 15.27
C ALA A 91 0.76 24.83 14.36
N LYS A 92 1.89 25.36 13.91
CA LYS A 92 1.90 26.53 13.04
C LYS A 92 1.27 26.22 11.69
N TYR A 95 2.65 23.64 6.39
CA TYR A 95 3.38 22.51 5.85
C TYR A 95 2.94 22.19 4.42
N GLN A 96 3.70 21.35 3.74
CA GLN A 96 3.42 20.94 2.38
C GLN A 96 2.94 19.50 2.33
N LYS A 97 2.07 19.21 1.36
CA LYS A 97 1.49 17.89 1.19
C LYS A 97 2.07 17.24 -0.06
N VAL A 98 2.58 16.03 0.10
CA VAL A 98 3.05 15.20 -1.01
C VAL A 98 2.11 14.01 -1.13
N SER A 99 1.80 13.63 -2.37
CA SER A 99 0.79 12.60 -2.63
C SER A 99 1.42 11.41 -3.31
N TYR A 100 1.02 10.21 -2.90
CA TYR A 100 1.46 8.96 -3.49
C TYR A 100 0.30 8.24 -4.15
N PRO A 101 0.53 7.54 -5.26
CA PRO A 101 -0.57 6.86 -5.94
C PRO A 101 -1.00 5.61 -5.18
N LEU A 102 -2.22 5.19 -5.47
CA LEU A 102 -2.81 4.01 -4.82
C LEU A 102 -3.31 3.04 -5.88
N LEU A 103 -3.53 1.81 -5.44
CA LEU A 103 -3.99 0.73 -6.32
C LEU A 103 -5.43 0.38 -5.99
N LYS A 104 -6.27 0.31 -7.02
CA LYS A 104 -7.65 -0.10 -6.88
C LYS A 104 -7.79 -1.56 -7.30
N THR A 105 -8.34 -2.38 -6.40
CA THR A 105 -8.61 -3.78 -6.67
C THR A 105 -10.12 -3.99 -6.68
N THR A 106 -10.61 -4.62 -7.75
CA THR A 106 -12.03 -4.90 -7.91
C THR A 106 -12.21 -6.40 -8.09
N VAL A 107 -12.99 -7.02 -7.20
CA VAL A 107 -13.25 -8.45 -7.22
C VAL A 107 -14.71 -8.66 -7.58
N LYS A 108 -14.95 -9.38 -8.67
CA LYS A 108 -16.29 -9.71 -9.12
C LYS A 108 -16.56 -11.18 -8.87
N TYR A 109 -17.82 -11.49 -8.54
CA TYR A 109 -18.21 -12.86 -8.21
C TYR A 109 -19.28 -13.37 -9.18
N LYS A 114 -21.97 -9.66 -4.90
CA LYS A 114 -21.83 -8.31 -5.44
C LYS A 114 -20.36 -7.90 -5.54
N GLU A 115 -20.07 -7.01 -6.48
CA GLU A 115 -18.73 -6.49 -6.67
C GLU A 115 -18.14 -5.98 -5.36
N ALA A 116 -16.84 -6.21 -5.18
CA ALA A 116 -16.12 -5.75 -3.99
C ALA A 116 -14.87 -5.01 -4.45
N THR A 117 -14.64 -3.84 -3.87
CA THR A 117 -13.52 -2.99 -4.22
C THR A 117 -12.65 -2.73 -3.00
N TYR A 118 -11.33 -2.73 -3.21
CA TYR A 118 -10.37 -2.50 -2.14
C TYR A 118 -9.32 -1.50 -2.61
N LEU A 119 -8.77 -0.76 -1.64
CA LEU A 119 -7.75 0.24 -1.91
C LEU A 119 -6.45 -0.21 -1.24
N ALA A 120 -5.34 -0.10 -1.96
CA ALA A 120 -4.06 -0.60 -1.49
C ALA A 120 -3.01 0.49 -1.51
N LEU A 121 -2.22 0.55 -0.44
CA LEU A 121 -1.05 1.43 -0.34
C LEU A 121 0.24 0.72 -0.71
N ASN A 122 0.38 -0.54 -0.36
CA ASN A 122 1.54 -1.33 -0.75
C ASN A 122 1.24 -2.13 -2.01
N GLU A 123 0.44 -3.19 -1.88
CA GLU A 123 0.18 -4.06 -3.02
C GLU A 123 -1.07 -4.90 -2.74
N SER A 124 -1.50 -5.60 -3.79
CA SER A 124 -2.53 -6.63 -3.71
C SER A 124 -2.01 -7.86 -4.42
N THR A 125 -2.13 -9.03 -3.78
CA THR A 125 -1.62 -10.27 -4.32
C THR A 125 -2.74 -11.29 -4.42
N VAL A 126 -2.59 -12.23 -5.36
CA VAL A 126 -3.53 -13.33 -5.54
C VAL A 126 -2.76 -14.63 -5.49
N LYS A 127 -3.24 -15.59 -4.70
CA LYS A 127 -2.68 -16.92 -4.61
C LYS A 127 -3.81 -17.94 -4.65
N SER A 128 -3.44 -19.20 -4.83
CA SER A 128 -4.44 -20.25 -4.94
C SER A 128 -5.01 -20.59 -3.56
N SER A 129 -6.22 -21.17 -3.57
CA SER A 129 -6.85 -21.69 -2.37
C SER A 129 -6.46 -23.13 -2.09
N GLY A 130 -5.21 -23.47 -2.38
CA GLY A 130 -4.80 -24.87 -2.35
C GLY A 130 -4.70 -25.41 -3.76
N GLY A 131 -3.53 -25.94 -4.11
CA GLY A 131 -3.29 -26.41 -5.46
C GLY A 131 -2.62 -25.36 -6.32
N PRO A 132 -2.57 -25.59 -7.62
CA PRO A 132 -1.90 -24.65 -8.52
C PRO A 132 -2.74 -23.40 -8.75
N PHE A 133 -2.06 -22.26 -8.83
CA PHE A 133 -2.70 -20.99 -9.13
C PHE A 133 -2.66 -20.74 -10.62
N VAL A 134 -3.83 -20.69 -11.26
CA VAL A 134 -3.93 -20.54 -12.71
C VAL A 134 -4.93 -19.42 -13.01
N VAL A 135 -4.47 -18.38 -13.71
CA VAL A 135 -5.32 -17.30 -14.18
C VAL A 135 -4.86 -16.87 -15.56
N ASP A 136 -5.82 -16.39 -16.36
CA ASP A 136 -5.51 -15.71 -17.61
C ASP A 136 -5.31 -14.22 -17.33
N VAL A 137 -4.21 -13.67 -17.82
CA VAL A 137 -3.89 -12.26 -17.63
C VAL A 137 -4.33 -11.48 -18.86
N VAL A 138 -5.25 -10.53 -18.67
CA VAL A 138 -5.84 -9.76 -19.75
C VAL A 138 -5.53 -8.29 -19.50
N ILE A 139 -4.85 -7.66 -20.45
CA ILE A 139 -4.42 -6.28 -20.33
C ILE A 139 -5.21 -5.45 -21.34
N ASN A 140 -6.13 -4.63 -20.85
CA ASN A 140 -6.98 -3.79 -21.70
C ASN A 140 -7.76 -4.64 -22.71
N ASP A 141 -8.46 -5.65 -22.18
CA ASP A 141 -9.29 -6.57 -22.97
C ASP A 141 -8.47 -7.41 -23.95
N ILE A 142 -7.16 -7.48 -23.76
CA ILE A 142 -6.26 -8.24 -24.63
CA ILE A 142 -6.27 -8.24 -24.64
C ILE A 142 -5.62 -9.35 -23.80
N HIS A 143 -5.77 -10.59 -24.24
CA HIS A 143 -5.18 -11.73 -23.55
C HIS A 143 -3.66 -11.68 -23.72
N PHE A 144 -2.95 -11.49 -22.61
CA PHE A 144 -1.50 -11.36 -22.67
C PHE A 144 -0.78 -12.67 -22.37
N GLU A 145 -1.29 -13.45 -21.42
CA GLU A 145 -0.64 -14.69 -21.03
C GLU A 145 -1.58 -15.50 -20.17
N ARG A 146 -1.24 -16.78 -20.01
CA ARG A 146 -1.87 -17.64 -19.01
C ARG A 146 -0.84 -17.96 -17.95
N PHE A 147 -1.07 -17.47 -16.73
CA PHE A 147 -0.13 -17.64 -15.64
C PHE A 147 -0.46 -18.90 -14.86
N ARG A 148 0.54 -19.75 -14.67
CA ARG A 148 0.42 -20.94 -13.82
C ARG A 148 1.62 -20.96 -12.89
N GLY A 149 1.37 -20.85 -11.59
CA GLY A 149 2.44 -20.82 -10.62
C GLY A 149 1.94 -20.67 -9.19
N ASP A 150 2.64 -19.86 -8.39
CA ASP A 150 2.26 -19.66 -7.00
C ASP A 150 1.39 -18.43 -6.78
N GLY A 151 1.56 -17.40 -7.59
CA GLY A 151 0.72 -16.22 -7.44
C GLY A 151 1.25 -15.05 -8.23
N LEU A 152 0.56 -13.92 -8.07
CA LEU A 152 0.91 -12.66 -8.72
C LEU A 152 0.79 -11.54 -7.70
N CYS A 153 1.55 -10.47 -7.94
CA CYS A 153 1.61 -9.33 -7.02
C CYS A 153 1.57 -8.05 -7.82
N MET A 154 0.60 -7.18 -7.50
CA MET A 154 0.45 -5.87 -8.15
C MET A 154 0.74 -4.81 -7.11
N SER A 155 1.80 -4.04 -7.33
CA SER A 155 2.33 -3.13 -6.33
C SER A 155 2.16 -1.67 -6.76
N THR A 156 1.94 -0.82 -5.77
CA THR A 156 2.00 0.63 -5.96
C THR A 156 3.46 1.06 -6.04
N PRO A 157 3.72 2.31 -6.45
CA PRO A 157 5.11 2.78 -6.45
C PRO A 157 5.77 2.73 -5.07
N SER A 158 5.11 3.27 -4.05
CA SER A 158 5.65 3.20 -2.69
C SER A 158 5.72 1.77 -2.18
N GLY A 159 4.95 0.86 -2.77
CA GLY A 159 5.01 -0.53 -2.38
C GLY A 159 6.08 -1.36 -3.06
N THR A 160 6.78 -0.78 -4.04
CA THR A 160 7.80 -1.51 -4.77
C THR A 160 8.99 -1.90 -3.90
N THR A 161 9.22 -1.18 -2.80
CA THR A 161 10.27 -1.56 -1.87
C THR A 161 9.83 -2.64 -0.88
N ALA A 162 8.61 -3.16 -1.01
CA ALA A 162 8.09 -4.15 -0.08
C ALA A 162 8.09 -5.54 -0.69
N TYR A 163 6.89 -6.14 -0.76
CA TYR A 163 6.75 -7.46 -1.37
C TYR A 163 7.29 -7.47 -2.79
N ASN A 164 7.02 -6.40 -3.55
CA ASN A 164 7.47 -6.33 -4.94
C ASN A 164 8.97 -6.52 -5.05
N LYS A 165 9.73 -5.94 -4.11
CA LYS A 165 11.19 -6.03 -4.17
C LYS A 165 11.66 -7.47 -3.99
N SER A 166 11.09 -8.21 -3.04
CA SER A 166 11.53 -9.58 -2.81
C SER A 166 11.22 -10.48 -3.99
N LEU A 167 10.21 -10.13 -4.78
CA LEU A 167 9.84 -10.90 -5.96
C LEU A 167 10.66 -10.52 -7.19
N GLY A 168 11.66 -9.67 -7.04
CA GLY A 168 12.47 -9.23 -8.15
C GLY A 168 11.96 -8.01 -8.88
N GLY A 169 10.96 -7.32 -8.34
CA GLY A 169 10.42 -6.15 -9.00
C GLY A 169 11.34 -4.95 -8.91
N ALA A 170 11.12 -4.00 -9.80
CA ALA A 170 11.91 -2.78 -9.81
C ALA A 170 11.35 -1.77 -8.82
N LEU A 171 12.26 -0.98 -8.25
CA LEU A 171 11.89 0.12 -7.36
C LEU A 171 11.67 1.38 -8.19
N MET A 172 10.49 1.99 -8.06
CA MET A 172 10.15 3.17 -8.84
C MET A 172 9.69 4.30 -7.92
N HIS A 173 10.00 5.52 -8.34
CA HIS A 173 9.72 6.70 -7.54
C HIS A 173 8.21 6.90 -7.41
N PRO A 174 7.73 7.33 -6.22
CA PRO A 174 6.28 7.48 -6.01
C PRO A 174 5.64 8.59 -6.84
N SER A 175 6.42 9.47 -7.46
CA SER A 175 5.81 10.49 -8.32
C SER A 175 5.29 9.90 -9.62
N ILE A 176 5.64 8.66 -9.95
CA ILE A 176 5.17 8.00 -11.15
C ILE A 176 3.83 7.33 -10.82
N GLU A 177 2.77 7.77 -11.49
CA GLU A 177 1.44 7.19 -11.29
C GLU A 177 1.37 5.90 -12.09
N ALA A 178 1.67 4.79 -11.44
CA ALA A 178 1.78 3.50 -12.13
C ALA A 178 1.56 2.38 -11.13
N MET A 179 1.51 1.16 -11.67
CA MET A 179 1.43 -0.05 -10.88
C MET A 179 2.33 -1.11 -11.52
N GLN A 180 2.88 -1.99 -10.70
CA GLN A 180 3.85 -2.98 -11.16
C GLN A 180 3.39 -4.39 -10.80
N LEU A 181 3.41 -5.28 -11.78
CA LEU A 181 2.98 -6.66 -11.61
C LEU A 181 4.19 -7.59 -11.66
N THR A 182 4.34 -8.40 -10.62
CA THR A 182 5.43 -9.36 -10.53
C THR A 182 4.88 -10.77 -10.35
N GLU A 183 5.68 -11.75 -10.74
CA GLU A 183 5.28 -13.15 -10.69
C GLU A 183 5.77 -13.81 -9.41
N MET A 184 5.08 -14.89 -9.03
CA MET A 184 5.48 -15.74 -7.90
C MET A 184 5.67 -17.16 -8.43
N ALA A 185 6.90 -17.51 -8.75
CA ALA A 185 7.29 -18.88 -9.09
C ALA A 185 6.42 -19.44 -10.23
N SER A 186 6.60 -18.82 -11.40
CA SER A 186 5.89 -19.27 -12.60
CA SER A 186 5.90 -19.26 -12.59
C SER A 186 6.61 -20.45 -13.22
N ILE A 187 5.84 -21.43 -13.68
CA ILE A 187 6.39 -22.58 -14.38
C ILE A 187 6.54 -22.22 -15.85
N ASN A 188 7.66 -22.60 -16.44
CA ASN A 188 7.96 -22.27 -17.83
C ASN A 188 8.64 -23.47 -18.46
N ASN A 189 7.91 -24.16 -19.34
CA ASN A 189 8.47 -25.29 -20.06
C ASN A 189 7.93 -25.34 -21.49
N ARG A 190 7.75 -26.56 -22.01
CA ARG A 190 7.30 -26.71 -23.38
C ARG A 190 5.84 -26.28 -23.55
N VAL A 191 5.05 -26.35 -22.48
CA VAL A 191 3.63 -26.08 -22.59
C VAL A 191 3.21 -24.79 -21.88
N TYR A 192 3.93 -24.38 -20.83
CA TYR A 192 3.59 -23.19 -20.07
C TYR A 192 4.61 -22.09 -20.34
N ARG A 193 4.12 -20.87 -20.54
CA ARG A 193 4.98 -19.74 -20.89
C ARG A 193 4.40 -18.46 -20.33
N THR A 194 5.22 -17.72 -19.59
CA THR A 194 4.86 -16.40 -19.09
C THR A 194 5.98 -15.43 -19.43
N ILE A 195 5.70 -14.14 -19.26
CA ILE A 195 6.66 -13.11 -19.61
C ILE A 195 7.87 -13.15 -18.67
N GLY A 196 7.68 -13.59 -17.43
CA GLY A 196 8.77 -13.58 -16.47
C GLY A 196 9.20 -12.22 -15.94
N SER A 197 9.39 -11.24 -16.83
CA SER A 197 9.79 -9.91 -16.39
C SER A 197 8.65 -9.20 -15.67
N PRO A 198 8.96 -8.30 -14.74
CA PRO A 198 7.90 -7.47 -14.15
C PRO A 198 7.35 -6.50 -15.18
N LEU A 199 6.08 -6.14 -15.01
CA LEU A 199 5.37 -5.25 -15.91
C LEU A 199 4.93 -4.01 -15.16
N VAL A 200 5.16 -2.84 -15.74
CA VAL A 200 4.78 -1.55 -15.14
C VAL A 200 3.70 -0.94 -16.01
N PHE A 201 2.54 -0.66 -15.41
CA PHE A 201 1.38 -0.15 -16.13
C PHE A 201 1.09 1.29 -15.74
N PRO A 202 0.75 2.15 -16.71
CA PRO A 202 0.37 3.53 -16.39
C PRO A 202 -1.08 3.59 -15.93
N LYS A 203 -1.52 4.82 -15.65
CA LYS A 203 -2.93 5.04 -15.36
C LYS A 203 -3.80 4.64 -16.55
N HIS A 204 -5.06 4.35 -16.26
CA HIS A 204 -6.15 3.93 -17.13
C HIS A 204 -5.89 2.57 -17.79
N HIS A 205 -4.74 1.94 -17.59
CA HIS A 205 -4.56 0.56 -18.03
C HIS A 205 -5.18 -0.38 -17.00
N VAL A 206 -6.01 -1.30 -17.47
CA VAL A 206 -6.73 -2.24 -16.62
C VAL A 206 -6.14 -3.63 -16.83
N VAL A 207 -5.69 -4.24 -15.74
CA VAL A 207 -5.18 -5.61 -15.75
C VAL A 207 -6.24 -6.51 -15.11
N SER A 208 -6.76 -7.44 -15.89
CA SER A 208 -7.82 -8.34 -15.45
C SER A 208 -7.27 -9.75 -15.32
N LEU A 209 -7.44 -10.34 -14.14
CA LEU A 209 -7.09 -11.74 -13.90
C LEU A 209 -8.38 -12.55 -13.90
N GLN A 210 -8.46 -13.54 -14.79
CA GLN A 210 -9.68 -14.30 -14.98
C GLN A 210 -9.40 -15.78 -14.72
N PRO A 211 -10.18 -16.44 -13.87
CA PRO A 211 -9.91 -17.84 -13.55
C PRO A 211 -10.09 -18.75 -14.75
N VAL A 212 -9.44 -19.91 -14.67
CA VAL A 212 -9.53 -20.94 -15.71
C VAL A 212 -10.41 -22.10 -15.26
N ASN A 213 -10.04 -22.75 -14.15
CA ASN A 213 -10.84 -23.82 -13.57
C ASN A 213 -11.19 -23.52 -12.13
N ASP A 214 -10.21 -23.55 -11.22
CA ASP A 214 -10.48 -23.22 -9.82
C ASP A 214 -10.85 -21.75 -9.69
N LYS A 215 -11.91 -21.48 -8.93
CA LYS A 215 -12.44 -20.13 -8.79
C LYS A 215 -12.22 -19.54 -7.40
N ASP A 216 -11.61 -20.28 -6.49
CA ASP A 216 -11.32 -19.78 -5.16
C ASP A 216 -9.87 -19.32 -5.09
N PHE A 217 -9.66 -18.10 -4.58
CA PHE A 217 -8.33 -17.51 -4.53
C PHE A 217 -8.13 -16.83 -3.19
N GLN A 218 -6.87 -16.83 -2.75
CA GLN A 218 -6.47 -16.08 -1.56
C GLN A 218 -6.02 -14.69 -2.01
N ILE A 219 -6.82 -13.67 -1.69
CA ILE A 219 -6.60 -12.30 -2.14
C ILE A 219 -6.14 -11.46 -0.95
N SER A 220 -5.00 -10.79 -1.11
CA SER A 220 -4.47 -9.93 -0.07
C SER A 220 -4.52 -8.48 -0.52
N VAL A 221 -4.73 -7.59 0.45
CA VAL A 221 -4.66 -6.14 0.24
C VAL A 221 -3.86 -5.59 1.42
N ASP A 222 -2.59 -5.26 1.18
CA ASP A 222 -1.65 -4.83 2.22
C ASP A 222 -1.53 -5.94 3.24
N HIS A 223 -1.92 -5.75 4.49
CA HIS A 223 -1.72 -6.75 5.54
C HIS A 223 -2.90 -7.72 5.67
N LEU A 224 -4.02 -7.43 5.03
CA LEU A 224 -5.20 -8.28 5.09
C LEU A 224 -5.15 -9.36 4.01
N SER A 225 -5.62 -10.55 4.35
CA SER A 225 -5.70 -11.66 3.41
C SER A 225 -6.98 -12.42 3.65
N ILE A 226 -7.84 -12.49 2.63
CA ILE A 226 -9.14 -13.14 2.74
C ILE A 226 -9.27 -14.18 1.63
N LEU A 227 -9.90 -15.30 1.95
CA LEU A 227 -10.24 -16.29 0.93
C LEU A 227 -11.52 -15.85 0.22
N HIS A 228 -11.44 -15.69 -1.09
CA HIS A 228 -12.58 -15.28 -1.91
C HIS A 228 -13.10 -16.46 -2.70
N ARG A 229 -14.39 -16.73 -2.60
CA ARG A 229 -15.03 -17.87 -3.22
C ARG A 229 -15.80 -17.44 -4.47
N ASP A 230 -15.81 -18.32 -5.47
CA ASP A 230 -16.55 -18.11 -6.72
C ASP A 230 -16.17 -16.79 -7.37
N VAL A 231 -14.87 -16.66 -7.65
CA VAL A 231 -14.34 -15.44 -8.26
C VAL A 231 -14.49 -15.53 -9.77
N GLN A 232 -14.97 -14.44 -10.37
CA GLN A 232 -15.07 -14.34 -11.82
C GLN A 232 -14.04 -13.43 -12.44
N GLU A 233 -13.54 -12.44 -11.71
CA GLU A 233 -12.59 -11.48 -12.26
C GLU A 233 -11.94 -10.70 -11.12
N ILE A 234 -10.68 -10.34 -11.33
CA ILE A 234 -9.93 -9.46 -10.42
C ILE A 234 -9.31 -8.38 -11.29
N ARG A 235 -9.76 -7.14 -11.12
CA ARG A 235 -9.31 -6.03 -11.94
C ARG A 235 -8.35 -5.15 -11.15
N TYR A 236 -7.21 -4.81 -11.75
CA TYR A 236 -6.22 -3.94 -11.16
C TYR A 236 -6.08 -2.69 -12.00
N GLU A 237 -6.04 -1.53 -11.35
CA GLU A 237 -5.86 -0.26 -12.04
C GLU A 237 -5.37 0.78 -11.04
N VAL A 238 -4.63 1.77 -11.53
CA VAL A 238 -4.19 2.87 -10.68
C VAL A 238 -5.42 3.66 -10.24
N SER A 239 -5.56 3.83 -8.93
CA SER A 239 -6.72 4.54 -8.39
C SER A 239 -6.63 6.02 -8.68
N ALA A 240 -7.80 6.66 -8.81
CA ALA A 240 -7.86 8.11 -8.88
C ALA A 240 -7.63 8.76 -7.53
N LYS A 241 -7.75 7.99 -6.45
CA LYS A 241 -7.51 8.47 -5.10
C LYS A 241 -6.03 8.39 -4.76
N LYS A 242 -5.56 9.34 -3.96
CA LYS A 242 -4.18 9.39 -3.53
C LYS A 242 -4.12 9.58 -2.02
N ILE A 243 -3.03 9.10 -1.43
CA ILE A 243 -2.75 9.33 -0.01
C ILE A 243 -1.90 10.58 0.10
N HIS A 244 -2.17 11.38 1.13
CA HIS A 244 -1.49 12.66 1.32
C HIS A 244 -0.64 12.62 2.57
N PHE A 245 0.63 12.98 2.43
CA PHE A 245 1.57 13.06 3.55
C PHE A 245 1.83 14.53 3.90
N ALA A 246 2.02 14.78 5.19
CA ALA A 246 2.47 16.08 5.65
C ALA A 246 3.99 16.05 5.76
N ARG A 247 4.65 16.94 5.02
CA ARG A 247 6.11 16.99 4.94
C ARG A 247 6.61 18.30 5.54
N PHE A 248 7.48 18.21 6.53
CA PHE A 248 8.08 19.38 7.15
C PHE A 248 9.53 19.61 6.75
N ARG A 249 10.22 18.56 6.29
CA ARG A 249 11.61 18.66 5.90
C ARG A 249 11.84 17.76 4.70
N SER A 250 12.94 18.02 3.99
CA SER A 250 13.26 17.21 2.83
C SER A 250 13.75 15.84 3.26
N PHE A 251 13.21 14.79 2.63
CA PHE A 251 13.66 13.42 2.85
C PHE A 251 13.39 12.63 1.59
N PRO A 252 14.25 12.76 0.58
CA PRO A 252 13.94 12.20 -0.74
C PRO A 252 13.74 10.69 -0.69
N PHE A 253 12.89 10.20 -1.60
CA PHE A 253 12.56 8.78 -1.63
C PHE A 253 13.81 7.93 -1.82
N TRP A 254 14.74 8.37 -2.67
CA TRP A 254 15.94 7.59 -2.92
C TRP A 254 16.85 7.56 -1.70
N ARG A 255 16.87 8.64 -0.90
CA ARG A 255 17.61 8.59 0.34
C ARG A 255 16.95 7.64 1.33
N ARG A 256 15.62 7.63 1.37
CA ARG A 256 14.91 6.66 2.21
C ARG A 256 15.20 5.23 1.74
N VAL A 257 15.34 5.04 0.43
CA VAL A 257 15.73 3.73 -0.08
C VAL A 257 17.16 3.41 0.33
N HIS A 258 18.06 4.40 0.25
CA HIS A 258 19.45 4.18 0.61
C HIS A 258 19.58 3.77 2.08
N ASP A 259 18.90 4.48 2.97
CA ASP A 259 19.04 4.22 4.40
C ASP A 259 18.47 2.86 4.78
N SER A 260 17.50 2.36 4.02
CA SER A 260 16.82 1.12 4.38
C SER A 260 17.51 -0.12 3.86
N PHE A 261 18.24 -0.03 2.75
CA PHE A 261 18.82 -1.20 2.12
C PHE A 261 20.33 -1.12 1.91
N ILE A 262 20.90 0.07 1.78
CA ILE A 262 22.33 0.21 1.50
C ILE A 262 23.10 0.32 2.82
N GLU A 263 22.91 1.43 3.52
CA GLU A 263 23.64 1.67 4.76
C GLU A 263 22.75 2.30 5.83
C1 CIT B . 11.30 13.07 -3.28
O1 CIT B . 11.16 11.87 -3.60
O2 CIT B . 12.41 13.60 -3.46
C2 CIT B . 10.15 13.89 -2.73
C3 CIT B . 9.65 13.42 -1.36
O7 CIT B . 10.71 13.56 -0.38
C4 CIT B . 8.45 14.26 -0.91
C5 CIT B . 8.94 15.60 -0.41
O3 CIT B . 8.54 16.65 -0.94
O4 CIT B . 9.74 15.66 0.55
C6 CIT B . 9.23 11.96 -1.40
O5 CIT B . 8.05 11.65 -1.68
O6 CIT B . 10.05 11.04 -1.19
C1 UTR C . 8.04 -2.16 3.91
C2 UTR C . 7.12 -1.51 3.26
C3 UTR C . 7.45 -0.73 2.22
C4 UTR C . 6.26 -2.67 4.75
N1 UTR C . 8.66 -0.59 1.88
N2 UTR C . 9.26 -2.03 3.54
C5 UTR C . 4.97 -7.50 2.93
C6 UTR C . 9.57 -1.24 2.53
C7 UTR C . 3.93 -6.96 2.08
C8 UTR C . 2.98 -6.43 3.10
C9 UTR C . 3.87 -6.32 4.28
C10 UTR C . 3.04 -6.12 5.60
C11 UTR C . 8.05 -3.41 7.07
C12 UTR C . 8.56 -4.68 7.64
C13 UTR C . 8.36 -3.64 5.70
C14 UTR C . 8.30 -5.61 6.60
C15 UTR C . 6.99 -6.22 6.95
C16 UTR C . 7.26 -8.65 6.74
C17 UTR C . 6.86 -9.82 6.13
C18 UTR C . 7.78 -10.42 5.30
C19 UTR C . 7.52 -11.59 4.65
C20 UTR C . 7.54 -11.06 1.53
C21 UTR C . 6.46 -10.42 1.92
C22 UTR C . 4.58 -9.80 2.45
C23 UTR C . 5.64 -10.43 6.31
C24 UTR C . 5.39 -11.59 5.65
C25 UTR C . 6.32 -12.17 4.83
C26 UTR C . 8.73 -9.13 1.75
C27 UTR C . 6.50 -9.16 2.20
C28 UTR C . 4.69 -9.94 7.13
C29 UTR C . 3.98 -4.23 6.96
C30 UTR C . 4.89 -3.54 6.01
C31 UTR C . 5.37 -3.21 5.54
N3 UTR C . 6.53 -0.10 1.58
N4 UTR C . 6.01 -1.84 3.82
N5 UTR C . 7.53 -2.86 4.83
N6 UTR C . 7.43 -12.30 1.27
N7 UTR C . 6.70 -7.53 6.39
N8 UTR C . 8.66 -10.43 1.46
N9 UTR C . 5.26 -10.80 2.08
N10 UTR C . 7.62 -8.51 2.12
N11 UTR C . 5.34 -8.78 2.53
O1 UTR C . 4.49 -5.95 1.35
O2 UTR C . 2.50 -5.25 2.75
O3 UTR C . 4.38 -7.51 4.14
O4 UTR C . 3.76 -5.62 6.72
O5 UTR C . 8.71 -2.42 7.59
O6 UTR C . 9.86 -4.58 7.83
O7 UTR C . 8.12 -8.72 7.53
O8 UTR C . 7.90 -4.87 5.59
O9 UTR C . 3.53 -10.06 6.86
O10 UTR C . 4.99 -9.42 8.16
#